data_7BIB
#
_entry.id   7BIB
#
_cell.length_a   99.638
_cell.length_b   93.222
_cell.length_c   51.524
_cell.angle_alpha   90.000
_cell.angle_beta   93.185
_cell.angle_gamma   90.000
#
_symmetry.space_group_name_H-M   'C 1 2 1'
#
loop_
_entity.id
_entity.type
_entity.pdbx_description
1 polymer 'Glutathione S-transferase A1'
2 non-polymer '(2~{R})-2-azanyl-5-[[(2~{R})-3-(hexylcarbamothioylsulfanyl)-1-(2-hydroxy-2-oxoethylamino)-1-oxidanylidene-propan-2-yl]amino]-5-oxidanylidene-pentanoic acid'
3 water water
#
_entity_poly.entity_id   1
_entity_poly.type   'polypeptide(L)'
_entity_poly.pdbx_seq_one_letter_code
;MAEKPKLHYFNARGRMESTRWLLAAAGVEFEEKFIKSAEDLDKLRNDGYLMFQQVPMVEIDGMKLVQTRAILNYIASKYN
LYGKDIKERALIDMYIEGIADLGEMILLLPVCPPEEKDAKLALIKEKIKNRYFPAFEKVLKSHGQDYLVGNKLSRADIHL
VELLYYVEELDSSLISSFPLLKALKTRISNLPTVKKFLQPGSPRKPPMDEKSLEEARKIFRF
;
_entity_poly.pdbx_strand_id   A,B
#
# COMPACT_ATOMS: atom_id res chain seq x y z
N ALA A 2 3.50 30.62 -5.22
CA ALA A 2 3.51 29.18 -5.01
C ALA A 2 4.03 28.82 -3.61
N GLU A 3 3.29 27.97 -2.92
CA GLU A 3 3.65 27.54 -1.57
C GLU A 3 4.39 26.20 -1.64
N LYS A 4 5.48 26.12 -0.96
CA LYS A 4 6.15 24.83 -1.10
C LYS A 4 5.62 23.82 -0.09
N PRO A 5 5.70 22.52 -0.40
CA PRO A 5 5.00 21.53 0.42
C PRO A 5 5.55 21.50 1.85
N LYS A 6 4.67 21.22 2.81
CA LYS A 6 5.03 21.15 4.22
C LYS A 6 4.90 19.71 4.72
N LEU A 7 6.01 19.14 5.19
CA LEU A 7 6.07 17.79 5.73
C LEU A 7 5.93 17.81 7.24
N HIS A 8 4.88 17.16 7.76
CA HIS A 8 4.65 17.05 9.20
C HIS A 8 5.02 15.62 9.62
N TYR A 9 6.09 15.49 10.40
CA TYR A 9 6.51 14.20 10.93
C TYR A 9 7.32 14.40 12.21
N PHE A 10 8.02 13.36 12.63
CA PHE A 10 9.01 13.56 13.67
C PHE A 10 10.36 13.61 13.00
N ASN A 11 11.36 13.97 13.81
CA ASN A 11 12.67 14.29 13.25
C ASN A 11 13.31 12.91 13.18
N ALA A 12 12.95 12.17 12.15
CA ALA A 12 13.46 10.82 11.99
C ALA A 12 13.07 10.35 10.60
N ARG A 13 13.65 9.21 10.22
CA ARG A 13 13.32 8.61 8.95
C ARG A 13 11.86 8.18 8.97
N GLY A 14 11.58 7.11 9.69
CA GLY A 14 10.20 6.65 9.85
C GLY A 14 9.47 6.51 8.55
N ARG A 15 8.19 6.84 8.57
CA ARG A 15 7.35 6.70 7.39
C ARG A 15 7.40 7.94 6.48
N MET A 16 8.25 8.93 6.78
CA MET A 16 8.33 10.16 6.00
C MET A 16 9.54 10.19 5.08
N GLU A 17 10.54 9.37 5.36
CA GLU A 17 11.80 9.46 4.64
C GLU A 17 11.67 9.20 3.14
N SER A 18 10.84 8.21 2.73
CA SER A 18 10.71 7.92 1.30
C SER A 18 10.19 9.12 0.54
N THR A 19 9.39 9.98 1.19
CA THR A 19 8.86 11.19 0.57
C THR A 19 9.96 12.24 0.50
N ARG A 20 10.78 12.33 1.55
CA ARG A 20 11.94 13.21 1.53
C ARG A 20 12.80 12.85 0.32
N TRP A 21 13.09 11.55 0.16
CA TRP A 21 13.86 11.12 -1.00
C TRP A 21 13.20 11.52 -2.30
N LEU A 22 11.88 11.32 -2.42
CA LEU A 22 11.21 11.49 -3.70
C LEU A 22 11.11 12.97 -4.04
N LEU A 23 10.69 13.80 -3.09
CA LEU A 23 10.68 15.23 -3.37
C LEU A 23 12.07 15.75 -3.70
N ALA A 24 13.10 15.34 -2.94
CA ALA A 24 14.45 15.83 -3.19
C ALA A 24 14.97 15.41 -4.55
N ALA A 25 14.72 14.16 -4.94
CA ALA A 25 15.18 13.69 -6.25
C ALA A 25 14.45 14.39 -7.40
N ALA A 26 13.20 14.82 -7.18
CA ALA A 26 12.47 15.64 -8.13
C ALA A 26 12.98 17.08 -8.19
N GLY A 27 13.85 17.48 -7.25
CA GLY A 27 14.32 18.85 -7.16
C GLY A 27 13.24 19.83 -6.74
N VAL A 28 12.40 19.42 -5.79
CA VAL A 28 11.34 20.25 -5.23
C VAL A 28 11.75 20.68 -3.84
N GLU A 29 11.73 21.98 -3.59
CA GLU A 29 12.02 22.47 -2.24
C GLU A 29 10.82 22.26 -1.33
N PHE A 30 11.09 21.92 -0.07
CA PHE A 30 9.99 21.66 0.88
C PHE A 30 10.42 22.08 2.27
N GLU A 31 9.44 22.37 3.12
CA GLU A 31 9.66 22.60 4.55
C GLU A 31 9.23 21.41 5.40
N GLU A 32 9.88 21.26 6.56
CA GLU A 32 9.48 20.30 7.57
C GLU A 32 9.06 20.99 8.87
N LYS A 33 7.87 20.65 9.39
CA LYS A 33 7.46 21.05 10.74
C LYS A 33 7.55 19.81 11.64
N PHE A 34 8.59 19.76 12.49
CA PHE A 34 8.87 18.56 13.27
C PHE A 34 7.92 18.43 14.45
N ILE A 35 7.32 17.25 14.62
CA ILE A 35 6.57 16.96 15.84
C ILE A 35 7.58 16.52 16.91
N LYS A 36 7.65 17.25 18.03
CA LYS A 36 8.64 16.97 19.07
C LYS A 36 8.04 16.46 20.37
N SER A 37 6.72 16.52 20.54
CA SER A 37 6.13 16.04 21.77
C SER A 37 4.77 15.43 21.44
N ALA A 38 4.15 14.80 22.45
CA ALA A 38 2.77 14.38 22.29
C ALA A 38 1.81 15.56 22.19
N GLU A 39 2.16 16.71 22.76
CA GLU A 39 1.32 17.90 22.59
C GLU A 39 1.38 18.42 21.17
N ASP A 40 2.53 18.31 20.51
CA ASP A 40 2.58 18.74 19.12
C ASP A 40 1.69 17.86 18.24
N LEU A 41 1.75 16.55 18.45
CA LEU A 41 0.85 15.62 17.76
C LEU A 41 -0.60 15.94 18.07
N ASP A 42 -0.90 16.24 19.35
CA ASP A 42 -2.26 16.50 19.76
C ASP A 42 -2.78 17.77 19.13
N LYS A 43 -1.89 18.72 18.88
CA LYS A 43 -2.29 19.97 18.26
C LYS A 43 -2.71 19.74 16.82
N LEU A 44 -2.01 18.87 16.10
CA LEU A 44 -2.44 18.54 14.74
C LEU A 44 -3.77 17.82 14.71
N ARG A 45 -4.02 16.92 15.67
CA ARG A 45 -5.33 16.27 15.75
C ARG A 45 -6.45 17.27 15.94
N ASN A 46 -6.41 18.02 17.05
CA ASN A 46 -7.52 18.91 17.39
C ASN A 46 -7.73 20.02 16.36
N ASP A 47 -6.66 20.41 15.63
CA ASP A 47 -6.81 21.40 14.56
C ASP A 47 -7.49 20.82 13.33
N GLY A 48 -7.76 19.51 13.34
CA GLY A 48 -8.35 18.83 12.21
C GLY A 48 -7.48 18.54 11.00
N TYR A 49 -6.15 18.53 11.15
CA TYR A 49 -5.27 18.35 10.00
C TYR A 49 -5.00 16.90 9.63
N LEU A 50 -5.41 15.92 10.44
CA LEU A 50 -5.06 14.52 10.22
C LEU A 50 -6.33 13.69 10.05
N MET A 51 -6.59 13.27 8.82
CA MET A 51 -7.84 12.55 8.55
C MET A 51 -8.01 11.34 9.48
N PHE A 52 -6.95 10.57 9.70
CA PHE A 52 -7.00 9.39 10.56
C PHE A 52 -6.26 9.57 11.87
N GLN A 53 -6.04 10.83 12.27
CA GLN A 53 -5.34 11.22 13.49
C GLN A 53 -3.90 10.72 13.52
N GLN A 54 -3.34 10.48 12.34
CA GLN A 54 -1.98 10.00 12.17
C GLN A 54 -1.18 10.92 11.27
N VAL A 55 0.13 10.93 11.50
CA VAL A 55 1.11 11.43 10.54
C VAL A 55 1.82 10.22 9.95
N PRO A 56 2.56 10.34 8.83
CA PRO A 56 2.85 11.46 7.93
C PRO A 56 1.65 12.28 7.48
N MET A 57 1.82 13.58 7.43
CA MET A 57 0.90 14.46 6.75
C MET A 57 1.71 15.45 5.94
N VAL A 58 1.21 15.78 4.75
CA VAL A 58 1.93 16.65 3.84
C VAL A 58 0.91 17.64 3.28
N GLU A 59 1.18 18.92 3.47
CA GLU A 59 0.39 19.99 2.89
C GLU A 59 0.96 20.33 1.52
N ILE A 60 0.17 20.14 0.48
CA ILE A 60 0.64 20.39 -0.88
C ILE A 60 -0.58 20.67 -1.74
N ASP A 61 -0.50 21.72 -2.54
CA ASP A 61 -1.52 22.04 -3.55
C ASP A 61 -2.92 22.09 -2.94
N GLY A 62 -3.02 22.71 -1.76
CA GLY A 62 -4.29 22.92 -1.09
C GLY A 62 -4.89 21.75 -0.34
N MET A 63 -4.15 20.67 -0.16
CA MET A 63 -4.67 19.50 0.53
C MET A 63 -3.79 19.16 1.72
N LYS A 64 -4.35 18.40 2.65
CA LYS A 64 -3.63 17.87 3.78
C LYS A 64 -3.65 16.36 3.63
N LEU A 65 -2.68 15.84 2.88
CA LEU A 65 -2.65 14.43 2.52
C LEU A 65 -2.03 13.62 3.65
N VAL A 66 -2.78 12.63 4.15
CA VAL A 66 -2.23 11.58 4.97
C VAL A 66 -2.22 10.26 4.20
N GLN A 67 -1.58 9.24 4.81
CA GLN A 67 -1.23 7.93 4.27
C GLN A 67 -0.04 8.06 3.31
N THR A 68 1.08 7.46 3.72
CA THR A 68 2.32 7.47 2.93
C THR A 68 2.06 7.28 1.43
N ARG A 69 1.22 6.30 1.06
CA ARG A 69 1.07 5.95 -0.34
C ARG A 69 0.21 6.94 -1.09
N ALA A 70 -0.67 7.66 -0.40
CA ALA A 70 -1.39 8.75 -1.05
C ALA A 70 -0.45 9.90 -1.34
N ILE A 71 0.38 10.25 -0.35
CA ILE A 71 1.37 11.31 -0.51
C ILE A 71 2.32 10.99 -1.67
N LEU A 72 2.92 9.81 -1.66
CA LEU A 72 3.90 9.46 -2.69
C LEU A 72 3.28 9.44 -4.09
N ASN A 73 2.08 8.87 -4.22
CA ASN A 73 1.42 8.79 -5.52
C ASN A 73 1.15 10.16 -6.11
N TYR A 74 0.66 11.09 -5.29
CA TYR A 74 0.43 12.44 -5.77
C TYR A 74 1.73 13.09 -6.21
N ILE A 75 2.77 12.98 -5.37
CA ILE A 75 4.04 13.64 -5.72
C ILE A 75 4.66 13.01 -6.97
N ALA A 76 4.63 11.68 -7.07
CA ALA A 76 5.21 11.01 -8.24
C ALA A 76 4.46 11.37 -9.51
N SER A 77 3.14 11.54 -9.44
CA SER A 77 2.38 11.91 -10.64
C SER A 77 2.69 13.35 -11.01
N LYS A 78 2.68 14.25 -10.03
CA LYS A 78 2.87 15.68 -10.31
C LYS A 78 4.22 15.94 -10.98
N TYR A 79 5.27 15.25 -10.54
CA TYR A 79 6.60 15.48 -11.11
C TYR A 79 7.02 14.39 -12.09
N ASN A 80 6.05 13.78 -12.79
CA ASN A 80 6.34 12.92 -13.95
C ASN A 80 7.29 11.77 -13.60
N LEU A 81 7.11 11.20 -12.42
CA LEU A 81 7.96 10.08 -12.02
C LEU A 81 7.11 8.82 -11.84
N TYR A 82 5.99 8.75 -12.53
CA TYR A 82 5.08 7.62 -12.32
C TYR A 82 4.75 6.93 -13.65
N GLY A 83 5.70 6.92 -14.58
CA GLY A 83 5.50 6.29 -15.88
C GLY A 83 4.72 7.19 -16.82
N LYS A 84 4.65 6.78 -18.08
CA LYS A 84 3.93 7.56 -19.08
C LYS A 84 2.51 7.04 -19.34
N ASP A 85 2.19 5.81 -18.95
CA ASP A 85 0.84 5.30 -19.16
C ASP A 85 0.48 4.34 -18.03
N ILE A 86 -0.74 3.79 -18.13
CA ILE A 86 -1.28 2.92 -17.09
C ILE A 86 -0.45 1.65 -16.97
N LYS A 87 0.05 1.12 -18.09
CA LYS A 87 0.85 -0.11 -18.00
C LYS A 87 2.17 0.15 -17.31
N GLU A 88 2.83 1.28 -17.61
CA GLU A 88 4.06 1.59 -16.91
C GLU A 88 3.81 1.77 -15.42
N ARG A 89 2.69 2.40 -15.03
CA ARG A 89 2.41 2.46 -13.59
C ARG A 89 2.27 1.07 -12.98
N ALA A 90 1.64 0.12 -13.69
CA ALA A 90 1.48 -1.19 -13.10
C ALA A 90 2.84 -1.85 -12.83
N LEU A 91 3.77 -1.78 -13.80
CA LEU A 91 5.13 -2.25 -13.52
C LEU A 91 5.73 -1.50 -12.33
N ILE A 92 5.65 -0.17 -12.35
CA ILE A 92 6.18 0.64 -11.25
C ILE A 92 5.51 0.23 -9.95
N ASP A 93 4.17 0.14 -9.94
CA ASP A 93 3.46 -0.20 -8.72
C ASP A 93 3.90 -1.58 -8.21
N MET A 94 3.99 -2.54 -9.11
CA MET A 94 4.43 -3.87 -8.72
C MET A 94 5.82 -3.82 -8.10
N TYR A 95 6.75 -3.12 -8.75
CA TYR A 95 8.10 -2.95 -8.21
C TYR A 95 8.13 -2.27 -6.84
N ILE A 96 7.47 -1.12 -6.72
CA ILE A 96 7.65 -0.34 -5.49
C ILE A 96 6.91 -1.02 -4.34
N GLU A 97 5.89 -1.82 -4.63
CA GLU A 97 5.20 -2.49 -3.54
C GLU A 97 6.04 -3.65 -3.00
N GLY A 98 6.81 -4.32 -3.87
CA GLY A 98 7.82 -5.21 -3.36
C GLY A 98 8.84 -4.51 -2.48
N ILE A 99 9.34 -3.35 -2.93
CA ILE A 99 10.26 -2.56 -2.10
C ILE A 99 9.59 -2.15 -0.81
N ALA A 100 8.29 -1.83 -0.86
CA ALA A 100 7.58 -1.45 0.37
C ALA A 100 7.50 -2.63 1.31
N ASP A 101 7.22 -3.82 0.79
CA ASP A 101 7.20 -5.01 1.62
C ASP A 101 8.52 -5.22 2.35
N LEU A 102 9.63 -5.14 1.60
CA LEU A 102 10.93 -5.32 2.24
C LEU A 102 11.27 -4.15 3.15
N GLY A 103 11.00 -2.93 2.70
CA GLY A 103 11.24 -1.78 3.55
C GLY A 103 10.46 -1.83 4.86
N GLU A 104 9.31 -2.49 4.87
CA GLU A 104 8.51 -2.56 6.07
C GLU A 104 9.16 -3.45 7.11
N MET A 105 9.63 -4.62 6.72
CA MET A 105 10.33 -5.49 7.67
C MET A 105 11.51 -4.78 8.31
N ILE A 106 12.32 -4.11 7.49
CA ILE A 106 13.48 -3.40 8.01
C ILE A 106 13.03 -2.30 8.96
N LEU A 107 11.99 -1.58 8.58
CA LEU A 107 11.49 -0.49 9.39
C LEU A 107 11.06 -0.97 10.77
N LEU A 108 10.56 -2.21 10.86
CA LEU A 108 10.03 -2.74 12.11
C LEU A 108 11.01 -3.67 12.83
N LEU A 109 12.28 -3.73 12.43
CA LEU A 109 13.28 -4.43 13.24
C LEU A 109 13.48 -3.84 14.62
N PRO A 110 13.64 -2.52 14.78
CA PRO A 110 13.96 -1.96 16.12
C PRO A 110 12.87 -2.15 17.16
N VAL A 111 11.61 -2.23 16.76
CA VAL A 111 10.47 -2.25 17.67
C VAL A 111 9.80 -3.62 17.63
N CYS A 112 10.66 -4.75 17.33
CA CYS A 112 10.49 -6.18 17.54
C CYS A 112 10.98 -6.67 18.92
N PRO A 113 10.35 -7.77 19.36
CA PRO A 113 10.69 -8.41 20.67
C PRO A 113 12.09 -8.99 20.68
N PRO A 114 12.90 -8.64 21.70
CA PRO A 114 14.31 -9.11 21.75
C PRO A 114 14.58 -10.62 21.56
N GLU A 115 13.74 -11.50 22.09
CA GLU A 115 13.74 -12.93 21.73
C GLU A 115 13.54 -13.16 20.25
N GLU A 116 12.85 -12.28 19.54
CA GLU A 116 12.53 -12.56 18.16
C GLU A 116 13.31 -11.69 17.18
N LYS A 117 14.28 -10.91 17.67
CA LYS A 117 14.99 -9.97 16.81
C LYS A 117 15.78 -10.72 15.74
N ASP A 118 16.61 -11.65 16.20
CA ASP A 118 17.55 -12.34 15.35
C ASP A 118 16.89 -13.42 14.52
N ALA A 119 15.68 -13.84 14.87
CA ALA A 119 14.87 -14.62 13.94
C ALA A 119 14.38 -13.78 12.77
N LYS A 120 13.91 -12.56 13.07
CA LYS A 120 13.45 -11.65 12.03
C LYS A 120 14.58 -11.18 11.12
N LEU A 121 15.73 -10.79 11.69
CA LEU A 121 16.82 -10.29 10.85
C LEU A 121 17.30 -11.37 9.88
N ALA A 122 17.43 -12.61 10.36
CA ALA A 122 17.84 -13.72 9.52
C ALA A 122 16.89 -13.95 8.36
N LEU A 123 15.60 -13.70 8.58
CA LEU A 123 14.64 -13.88 7.50
C LEU A 123 14.66 -12.71 6.53
N ILE A 124 14.88 -11.48 7.04
CA ILE A 124 15.09 -10.34 6.15
C ILE A 124 16.24 -10.62 5.19
N LYS A 125 17.36 -11.12 5.71
CA LYS A 125 18.53 -11.36 4.87
C LYS A 125 18.27 -12.44 3.83
N GLU A 126 17.58 -13.51 4.22
CA GLU A 126 17.31 -14.57 3.26
C GLU A 126 16.38 -14.07 2.15
N LYS A 127 15.38 -13.25 2.51
CA LYS A 127 14.45 -12.79 1.51
C LYS A 127 15.13 -11.79 0.56
N ILE A 128 16.09 -11.02 1.08
CA ILE A 128 16.91 -10.14 0.25
C ILE A 128 17.71 -10.96 -0.77
N LYS A 129 18.49 -11.93 -0.29
CA LYS A 129 19.35 -12.69 -1.20
C LYS A 129 18.56 -13.51 -2.19
N ASN A 130 17.43 -14.07 -1.79
CA ASN A 130 16.76 -15.05 -2.62
C ASN A 130 15.44 -14.62 -3.22
N ARG A 131 14.90 -13.46 -2.85
CA ARG A 131 13.59 -13.08 -3.36
C ARG A 131 13.66 -11.71 -4.00
N TYR A 132 13.99 -10.68 -3.22
CA TYR A 132 13.85 -9.33 -3.75
C TYR A 132 15.01 -8.91 -4.65
N PHE A 133 16.23 -9.15 -4.23
CA PHE A 133 17.37 -8.71 -5.02
C PHE A 133 17.44 -9.42 -6.36
N PRO A 134 17.16 -10.74 -6.45
CA PRO A 134 17.08 -11.34 -7.79
C PRO A 134 15.98 -10.76 -8.65
N ALA A 135 14.83 -10.40 -8.07
CA ALA A 135 13.73 -9.90 -8.91
C ALA A 135 14.14 -8.60 -9.60
N PHE A 136 14.82 -7.73 -8.86
CA PHE A 136 15.19 -6.45 -9.44
C PHE A 136 16.43 -6.56 -10.30
N GLU A 137 17.44 -7.34 -9.89
CA GLU A 137 18.51 -7.67 -10.81
C GLU A 137 17.97 -8.23 -12.12
N LYS A 138 16.97 -9.10 -12.04
CA LYS A 138 16.34 -9.65 -13.24
C LYS A 138 15.73 -8.54 -14.11
N VAL A 139 15.03 -7.59 -13.49
CA VAL A 139 14.44 -6.50 -14.26
C VAL A 139 15.53 -5.71 -14.98
N LEU A 140 16.62 -5.36 -14.27
CA LEU A 140 17.67 -4.56 -14.91
C LEU A 140 18.39 -5.33 -16.01
N LYS A 141 18.63 -6.63 -15.79
CA LYS A 141 19.22 -7.48 -16.82
C LYS A 141 18.29 -7.65 -18.01
N SER A 142 16.98 -7.70 -17.75
CA SER A 142 16.02 -8.00 -18.81
C SER A 142 16.15 -7.00 -19.96
N HIS A 143 16.36 -5.73 -19.66
CA HIS A 143 16.40 -4.70 -20.68
C HIS A 143 17.73 -3.97 -20.74
N GLY A 144 18.59 -4.10 -19.73
CA GLY A 144 19.91 -3.53 -19.79
C GLY A 144 19.96 -2.02 -19.84
N GLN A 145 18.90 -1.34 -19.40
CA GLN A 145 18.88 0.11 -19.40
C GLN A 145 19.15 0.68 -18.00
N ASP A 146 19.42 1.99 -17.97
CA ASP A 146 19.85 2.65 -16.74
C ASP A 146 18.75 2.77 -15.69
N TYR A 147 17.47 2.67 -16.08
CA TYR A 147 16.37 2.86 -15.14
C TYR A 147 15.45 1.64 -15.16
N LEU A 148 14.77 1.42 -14.03
CA LEU A 148 13.95 0.23 -13.93
C LEU A 148 12.86 0.20 -15.00
N VAL A 149 12.23 1.34 -15.31
CA VAL A 149 11.02 1.30 -16.13
C VAL A 149 11.03 2.39 -17.20
N GLY A 150 10.78 1.99 -18.45
CA GLY A 150 10.57 2.95 -19.50
C GLY A 150 11.78 3.73 -19.92
N ASN A 151 12.99 3.29 -19.53
CA ASN A 151 14.23 3.96 -19.90
C ASN A 151 14.24 5.42 -19.46
N LYS A 152 13.56 5.70 -18.36
CA LYS A 152 13.42 7.05 -17.84
C LYS A 152 13.37 6.96 -16.33
N LEU A 153 13.99 7.93 -15.66
CA LEU A 153 13.98 7.93 -14.20
C LEU A 153 12.53 7.91 -13.72
N SER A 154 12.23 7.07 -12.75
CA SER A 154 10.93 6.98 -12.15
C SER A 154 11.08 6.84 -10.65
N ARG A 155 9.93 6.90 -9.94
CA ARG A 155 9.94 6.69 -8.49
C ARG A 155 10.48 5.31 -8.10
N ALA A 156 10.31 4.31 -8.96
CA ALA A 156 10.86 2.99 -8.66
C ALA A 156 12.36 3.05 -8.42
N ASP A 157 13.11 3.74 -9.30
CA ASP A 157 14.55 3.86 -9.10
C ASP A 157 14.87 4.51 -7.77
N ILE A 158 14.16 5.60 -7.44
CA ILE A 158 14.41 6.33 -6.20
C ILE A 158 14.13 5.45 -4.98
N HIS A 159 12.94 4.85 -4.93
CA HIS A 159 12.56 4.00 -3.80
C HIS A 159 13.52 2.81 -3.67
N LEU A 160 13.91 2.22 -4.80
CA LEU A 160 14.79 1.05 -4.74
C LEU A 160 16.17 1.46 -4.22
N VAL A 161 16.72 2.55 -4.74
CA VAL A 161 18.08 2.93 -4.32
C VAL A 161 18.10 3.36 -2.85
N GLU A 162 17.05 4.06 -2.38
CA GLU A 162 16.96 4.38 -0.95
C GLU A 162 17.05 3.11 -0.11
N LEU A 163 16.29 2.08 -0.50
CA LEU A 163 16.33 0.80 0.22
C LEU A 163 17.72 0.16 0.14
N LEU A 164 18.36 0.20 -1.04
CA LEU A 164 19.74 -0.24 -1.18
C LEU A 164 20.64 0.36 -0.10
N TYR A 165 20.47 1.65 0.20
CA TYR A 165 21.23 2.24 1.30
C TYR A 165 20.89 1.57 2.63
N TYR A 166 19.60 1.34 2.91
CA TYR A 166 19.25 0.70 4.18
C TYR A 166 19.72 -0.74 4.26
N VAL A 167 19.69 -1.47 3.13
CA VAL A 167 20.23 -2.83 3.11
C VAL A 167 21.73 -2.82 3.38
N GLU A 168 22.44 -1.83 2.81
CA GLU A 168 23.88 -1.75 3.05
C GLU A 168 24.18 -1.54 4.54
N GLU A 169 23.41 -0.65 5.20
CA GLU A 169 23.54 -0.43 6.65
C GLU A 169 23.35 -1.71 7.43
N LEU A 170 22.51 -2.62 6.95
CA LEU A 170 22.28 -3.83 7.72
C LEU A 170 23.30 -4.92 7.43
N ASP A 171 23.73 -5.03 6.18
CA ASP A 171 24.73 -6.01 5.79
C ASP A 171 25.25 -5.67 4.40
N SER A 172 26.48 -5.15 4.33
CA SER A 172 27.03 -4.68 3.07
C SER A 172 27.28 -5.84 2.12
N SER A 173 27.45 -7.04 2.65
CA SER A 173 27.67 -8.17 1.77
C SER A 173 26.41 -8.61 1.02
N LEU A 174 25.22 -8.11 1.38
CA LEU A 174 24.02 -8.66 0.75
C LEU A 174 23.93 -8.26 -0.73
N ILE A 175 24.51 -7.13 -1.10
CA ILE A 175 24.42 -6.66 -2.49
C ILE A 175 25.49 -7.26 -3.39
N SER A 176 26.53 -7.90 -2.83
CA SER A 176 27.79 -8.07 -3.56
C SER A 176 27.63 -8.96 -4.79
N SER A 177 26.68 -9.88 -4.78
CA SER A 177 26.44 -10.73 -5.93
C SER A 177 25.46 -10.16 -6.94
N PHE A 178 25.14 -8.86 -6.86
CA PHE A 178 24.17 -8.22 -7.75
C PHE A 178 24.80 -7.01 -8.41
N PRO A 179 25.54 -7.22 -9.49
CA PRO A 179 26.25 -6.11 -10.12
C PRO A 179 25.34 -5.03 -10.67
N LEU A 180 24.19 -5.39 -11.26
CA LEU A 180 23.36 -4.35 -11.85
C LEU A 180 22.70 -3.48 -10.79
N LEU A 181 22.42 -4.03 -9.61
CA LEU A 181 21.94 -3.22 -8.50
C LEU A 181 23.04 -2.29 -7.99
N LYS A 182 24.25 -2.80 -7.85
CA LYS A 182 25.39 -1.93 -7.54
C LYS A 182 25.44 -0.73 -8.48
N ALA A 183 25.38 -1.00 -9.79
CA ALA A 183 25.52 0.08 -10.77
C ALA A 183 24.38 1.10 -10.70
N LEU A 184 23.12 0.62 -10.61
CA LEU A 184 21.97 1.51 -10.42
C LEU A 184 22.18 2.41 -9.21
N LYS A 185 22.59 1.83 -8.08
CA LYS A 185 22.84 2.61 -6.88
C LYS A 185 23.83 3.75 -7.16
N THR A 186 24.91 3.44 -7.89
CA THR A 186 25.91 4.48 -8.21
C THR A 186 25.32 5.53 -9.14
N ARG A 187 24.70 5.10 -10.23
CA ARG A 187 24.15 6.04 -11.20
C ARG A 187 23.11 6.95 -10.57
N ILE A 188 22.21 6.40 -9.76
CA ILE A 188 21.14 7.21 -9.19
C ILE A 188 21.71 8.19 -8.18
N SER A 189 22.57 7.70 -7.28
CA SER A 189 23.24 8.57 -6.32
C SER A 189 24.00 9.72 -6.99
N ASN A 190 24.40 9.57 -8.25
CA ASN A 190 25.14 10.61 -8.96
C ASN A 190 24.29 11.62 -9.70
N LEU A 191 22.99 11.39 -9.82
CA LEU A 191 22.11 12.43 -10.30
C LEU A 191 22.27 13.68 -9.43
N PRO A 192 22.31 14.88 -10.02
CA PRO A 192 22.61 16.07 -9.21
C PRO A 192 21.67 16.27 -8.03
N THR A 193 20.38 15.99 -8.18
CA THR A 193 19.48 16.20 -7.06
C THR A 193 19.72 15.17 -5.96
N VAL A 194 19.93 13.91 -6.33
CA VAL A 194 20.20 12.88 -5.34
C VAL A 194 21.58 13.06 -4.72
N LYS A 195 22.57 13.47 -5.52
CA LYS A 195 23.90 13.69 -4.93
C LYS A 195 23.86 14.79 -3.88
N LYS A 196 23.15 15.87 -4.16
CA LYS A 196 22.91 16.89 -3.14
C LYS A 196 22.27 16.32 -1.89
N PHE A 197 21.14 15.60 -2.06
CA PHE A 197 20.42 15.04 -0.93
C PHE A 197 21.32 14.12 -0.11
N LEU A 198 22.23 13.41 -0.76
CA LEU A 198 23.13 12.55 -0.01
C LEU A 198 24.22 13.33 0.73
N GLN A 199 24.52 14.54 0.29
CA GLN A 199 25.55 15.37 0.92
C GLN A 199 25.02 15.96 2.24
N PRO A 200 25.91 16.34 3.15
CA PRO A 200 25.47 16.82 4.47
C PRO A 200 24.63 18.08 4.35
N GLY A 201 23.81 18.30 5.36
CA GLY A 201 22.93 19.46 5.43
C GLY A 201 21.63 19.35 4.65
N SER A 202 21.32 18.21 4.06
CA SER A 202 20.04 17.98 3.40
C SER A 202 18.99 17.50 4.39
N PRO A 203 17.71 17.50 3.98
CA PRO A 203 16.68 16.92 4.86
C PRO A 203 16.81 15.43 5.09
N ARG A 204 17.73 14.74 4.40
CA ARG A 204 17.89 13.32 4.65
C ARG A 204 18.20 13.09 6.11
N LYS A 205 17.65 12.01 6.67
CA LYS A 205 17.65 11.78 8.10
C LYS A 205 18.58 10.61 8.42
N PRO A 206 19.17 10.60 9.61
CA PRO A 206 20.10 9.52 10.00
C PRO A 206 19.36 8.24 10.36
N PRO A 207 20.10 7.12 10.51
CA PRO A 207 19.50 5.95 11.13
C PRO A 207 19.03 6.29 12.53
N MET A 208 18.03 5.59 12.97
CA MET A 208 17.44 5.86 14.26
C MET A 208 18.21 5.21 15.38
N ASP A 209 18.40 5.92 16.45
CA ASP A 209 19.13 5.35 17.54
C ASP A 209 18.22 5.13 18.72
N GLU A 210 18.83 4.98 19.87
CA GLU A 210 18.05 4.82 21.05
C GLU A 210 17.26 6.10 21.30
N LYS A 211 17.88 7.26 21.13
CA LYS A 211 17.25 8.56 21.38
C LYS A 211 15.96 8.74 20.65
N SER A 212 15.84 8.27 19.41
CA SER A 212 14.59 8.40 18.74
C SER A 212 13.71 7.19 18.98
N LEU A 213 13.32 6.95 20.22
CA LEU A 213 12.43 5.87 20.58
C LEU A 213 11.85 6.18 21.95
N LYS B 4 -10.30 -12.34 -20.95
CA LYS B 4 -10.76 -11.83 -19.67
C LYS B 4 -9.75 -12.07 -18.52
N PRO B 5 -9.78 -11.22 -17.49
CA PRO B 5 -8.78 -11.31 -16.43
C PRO B 5 -8.83 -12.67 -15.72
N LYS B 6 -7.66 -13.17 -15.34
CA LYS B 6 -7.53 -14.48 -14.68
C LYS B 6 -6.94 -14.26 -13.29
N LEU B 7 -7.71 -14.56 -12.25
CA LEU B 7 -7.28 -14.32 -10.86
C LEU B 7 -6.63 -15.57 -10.28
N HIS B 8 -5.40 -15.43 -9.81
CA HIS B 8 -4.64 -16.53 -9.23
C HIS B 8 -4.57 -16.33 -7.72
N TYR B 9 -5.35 -17.11 -6.99
CA TYR B 9 -5.32 -17.10 -5.53
C TYR B 9 -5.81 -18.47 -5.04
N PHE B 10 -6.01 -18.60 -3.74
CA PHE B 10 -6.68 -19.81 -3.28
C PHE B 10 -8.14 -19.48 -2.97
N ASN B 11 -8.95 -20.54 -2.83
CA ASN B 11 -10.39 -20.36 -2.72
C ASN B 11 -10.72 -19.80 -1.34
N ALA B 12 -10.53 -18.48 -1.20
CA ALA B 12 -10.82 -17.76 0.04
C ALA B 12 -10.78 -16.27 -0.27
N ARG B 13 -11.27 -15.48 0.68
CA ARG B 13 -11.25 -14.03 0.52
C ARG B 13 -9.82 -13.52 0.45
N GLY B 14 -9.10 -13.55 1.58
CA GLY B 14 -7.70 -13.18 1.62
C GLY B 14 -7.39 -11.84 1.02
N ARG B 15 -6.27 -11.78 0.31
CA ARG B 15 -5.86 -10.51 -0.29
C ARG B 15 -6.37 -10.33 -1.70
N MET B 16 -7.24 -11.22 -2.17
CA MET B 16 -7.79 -11.15 -3.51
C MET B 16 -9.23 -10.63 -3.53
N GLU B 17 -9.93 -10.69 -2.38
CA GLU B 17 -11.34 -10.37 -2.35
C GLU B 17 -11.62 -8.94 -2.83
N SER B 18 -10.78 -7.98 -2.43
CA SER B 18 -11.04 -6.59 -2.80
C SER B 18 -10.93 -6.39 -4.30
N THR B 19 -10.12 -7.21 -4.97
CA THR B 19 -10.07 -7.23 -6.43
C THR B 19 -11.34 -7.83 -7.04
N ARG B 20 -11.80 -8.96 -6.50
CA ARG B 20 -13.09 -9.53 -6.93
C ARG B 20 -14.20 -8.48 -6.88
N TRP B 21 -14.35 -7.83 -5.73
CA TRP B 21 -15.34 -6.76 -5.57
C TRP B 21 -15.22 -5.69 -6.64
N LEU B 22 -13.98 -5.20 -6.88
CA LEU B 22 -13.80 -4.06 -7.77
C LEU B 22 -14.09 -4.44 -9.21
N LEU B 23 -13.60 -5.59 -9.65
CA LEU B 23 -13.93 -6.08 -10.98
C LEU B 23 -15.42 -6.28 -11.14
N ALA B 24 -16.06 -6.94 -10.16
CA ALA B 24 -17.50 -7.16 -10.25
C ALA B 24 -18.24 -5.83 -10.34
N ALA B 25 -17.89 -4.89 -9.47
CA ALA B 25 -18.56 -3.59 -9.47
C ALA B 25 -18.39 -2.88 -10.81
N ALA B 26 -17.26 -3.07 -11.48
CA ALA B 26 -17.09 -2.49 -12.81
C ALA B 26 -17.70 -3.33 -13.91
N GLY B 27 -18.48 -4.36 -13.56
CA GLY B 27 -19.12 -5.19 -14.57
C GLY B 27 -18.14 -5.91 -15.49
N VAL B 28 -17.03 -6.40 -14.93
CA VAL B 28 -15.98 -7.12 -15.66
C VAL B 28 -16.05 -8.59 -15.28
N GLU B 29 -16.24 -9.47 -16.28
CA GLU B 29 -16.22 -10.92 -16.02
C GLU B 29 -14.80 -11.42 -15.90
N PHE B 30 -14.57 -12.33 -14.96
CA PHE B 30 -13.23 -12.86 -14.77
C PHE B 30 -13.27 -14.35 -14.47
N GLU B 31 -12.16 -15.05 -14.76
CA GLU B 31 -11.97 -16.41 -14.29
C GLU B 31 -11.02 -16.45 -13.09
N GLU B 32 -11.25 -17.42 -12.21
CA GLU B 32 -10.33 -17.67 -11.09
C GLU B 32 -9.72 -19.05 -11.30
N LYS B 33 -8.40 -19.16 -11.13
CA LYS B 33 -7.73 -20.45 -11.24
C LYS B 33 -7.21 -20.69 -9.81
N PHE B 34 -7.98 -21.40 -8.99
CA PHE B 34 -7.72 -21.54 -7.55
C PHE B 34 -6.49 -22.41 -7.25
N ILE B 35 -5.57 -21.93 -6.40
CA ILE B 35 -4.51 -22.79 -5.86
C ILE B 35 -5.09 -23.61 -4.71
N LYS B 36 -4.81 -24.91 -4.70
CA LYS B 36 -5.27 -25.84 -3.68
C LYS B 36 -4.15 -26.48 -2.89
N SER B 37 -2.91 -26.45 -3.39
CA SER B 37 -1.80 -27.14 -2.75
C SER B 37 -0.54 -26.29 -2.84
N ALA B 38 0.43 -26.58 -1.98
CA ALA B 38 1.76 -26.01 -2.17
C ALA B 38 2.33 -26.43 -3.52
N GLU B 39 1.97 -27.63 -3.96
CA GLU B 39 2.39 -28.11 -5.28
C GLU B 39 1.97 -27.11 -6.36
N ASP B 40 0.69 -26.68 -6.32
CA ASP B 40 0.15 -25.73 -7.29
C ASP B 40 0.78 -24.34 -7.18
N LEU B 41 1.20 -23.94 -5.98
CA LEU B 41 1.89 -22.66 -5.82
C LEU B 41 3.29 -22.68 -6.42
N ASP B 42 4.01 -23.78 -6.23
CA ASP B 42 5.36 -23.89 -6.77
C ASP B 42 5.36 -23.95 -8.28
N LYS B 43 4.30 -24.52 -8.87
CA LYS B 43 4.15 -24.47 -10.32
C LYS B 43 4.17 -23.03 -10.83
N LEU B 44 3.45 -22.13 -10.16
CA LEU B 44 3.46 -20.73 -10.55
C LEU B 44 4.84 -20.09 -10.39
N ARG B 45 5.55 -20.42 -9.31
CA ARG B 45 6.84 -19.79 -9.05
C ARG B 45 7.89 -20.22 -10.06
N ASN B 46 8.02 -21.53 -10.26
CA ASN B 46 9.01 -22.08 -11.19
C ASN B 46 8.70 -21.76 -12.65
N ASP B 47 7.42 -21.66 -13.00
CA ASP B 47 6.99 -21.14 -14.29
C ASP B 47 7.17 -19.59 -14.45
N GLY B 48 7.84 -18.91 -13.51
CA GLY B 48 8.13 -17.48 -13.58
C GLY B 48 6.93 -16.54 -13.50
N TYR B 49 5.75 -16.99 -13.09
CA TYR B 49 4.57 -16.13 -13.15
C TYR B 49 4.50 -15.12 -12.00
N LEU B 50 5.26 -15.30 -10.91
CA LEU B 50 5.12 -14.46 -9.73
C LEU B 50 6.44 -13.76 -9.48
N MET B 51 6.47 -12.45 -9.74
CA MET B 51 7.70 -11.67 -9.61
C MET B 51 8.37 -11.81 -8.26
N PHE B 52 7.59 -11.83 -7.18
CA PHE B 52 8.13 -11.97 -5.84
C PHE B 52 7.81 -13.33 -5.22
N GLN B 53 7.39 -14.29 -6.05
CA GLN B 53 7.04 -15.66 -5.62
C GLN B 53 5.81 -15.66 -4.70
N GLN B 54 4.87 -14.78 -4.97
CA GLN B 54 3.70 -14.55 -4.12
C GLN B 54 2.48 -14.35 -4.99
N VAL B 55 1.33 -14.74 -4.46
CA VAL B 55 0.00 -14.41 -4.97
C VAL B 55 -0.56 -13.43 -3.94
N PRO B 56 -1.58 -12.61 -4.27
CA PRO B 56 -2.40 -12.51 -5.50
C PRO B 56 -1.63 -12.29 -6.79
N MET B 57 -2.09 -12.94 -7.86
CA MET B 57 -1.59 -12.62 -9.18
C MET B 57 -2.76 -12.56 -10.13
N VAL B 58 -2.71 -11.59 -11.03
CA VAL B 58 -3.79 -11.41 -12.00
C VAL B 58 -3.18 -11.32 -13.39
N GLU B 59 -3.68 -12.14 -14.30
CA GLU B 59 -3.36 -12.02 -15.72
C GLU B 59 -4.37 -11.07 -16.33
N ILE B 60 -3.90 -9.92 -16.81
CA ILE B 60 -4.80 -8.95 -17.42
C ILE B 60 -4.00 -8.17 -18.46
N ASP B 61 -4.56 -8.04 -19.66
CA ASP B 61 -4.00 -7.19 -20.71
C ASP B 61 -2.55 -7.52 -21.03
N GLY B 62 -2.18 -8.79 -20.90
CA GLY B 62 -0.84 -9.21 -21.26
C GLY B 62 0.12 -9.31 -20.10
N MET B 63 -0.23 -8.76 -18.94
CA MET B 63 0.70 -8.69 -17.82
C MET B 63 0.39 -9.75 -16.77
N LYS B 64 1.41 -10.05 -15.97
CA LYS B 64 1.32 -10.92 -14.81
C LYS B 64 1.53 -10.05 -13.56
N LEU B 65 0.47 -9.37 -13.14
CA LEU B 65 0.54 -8.38 -12.08
C LEU B 65 0.50 -9.06 -10.72
N VAL B 66 1.57 -8.92 -9.92
CA VAL B 66 1.47 -9.26 -8.51
C VAL B 66 1.37 -8.00 -7.67
N GLN B 67 1.25 -8.14 -6.33
CA GLN B 67 1.01 -7.06 -5.36
C GLN B 67 -0.42 -6.52 -5.43
N THR B 68 -1.21 -6.70 -4.35
CA THR B 68 -2.60 -6.26 -4.32
C THR B 68 -2.76 -4.84 -4.87
N ARG B 69 -1.92 -3.91 -4.42
CA ARG B 69 -2.19 -2.53 -4.78
C ARG B 69 -1.87 -2.22 -6.24
N ALA B 70 -0.90 -2.92 -6.85
CA ALA B 70 -0.65 -2.80 -8.29
C ALA B 70 -1.84 -3.29 -9.09
N ILE B 71 -2.39 -4.44 -8.72
CA ILE B 71 -3.60 -4.94 -9.36
C ILE B 71 -4.71 -3.91 -9.25
N LEU B 72 -5.00 -3.46 -8.04
CA LEU B 72 -6.18 -2.61 -7.86
C LEU B 72 -6.02 -1.29 -8.60
N ASN B 73 -4.83 -0.65 -8.46
CA ASN B 73 -4.56 0.61 -9.12
C ASN B 73 -4.72 0.49 -10.63
N TYR B 74 -4.24 -0.61 -11.21
CA TYR B 74 -4.40 -0.78 -12.65
C TYR B 74 -5.88 -0.99 -13.04
N ILE B 75 -6.60 -1.87 -12.33
CA ILE B 75 -8.02 -2.06 -12.67
C ILE B 75 -8.84 -0.80 -12.49
N ALA B 76 -8.55 -0.03 -11.45
CA ALA B 76 -9.34 1.17 -11.16
C ALA B 76 -9.13 2.22 -12.25
N SER B 77 -7.90 2.37 -12.77
CA SER B 77 -7.71 3.36 -13.83
C SER B 77 -8.34 2.88 -15.13
N LYS B 78 -8.10 1.62 -15.50
CA LYS B 78 -8.65 1.05 -16.72
C LYS B 78 -10.17 1.25 -16.83
N TYR B 79 -10.90 0.93 -15.77
CA TYR B 79 -12.36 1.02 -15.77
C TYR B 79 -12.85 2.33 -15.14
N ASN B 80 -11.99 3.35 -15.08
CA ASN B 80 -12.39 4.74 -14.82
C ASN B 80 -13.02 4.91 -13.45
N LEU B 81 -12.51 4.17 -12.47
CA LEU B 81 -12.95 4.30 -11.09
C LEU B 81 -11.84 4.91 -10.22
N TYR B 82 -10.91 5.64 -10.83
CA TYR B 82 -9.80 6.23 -10.11
C TYR B 82 -9.84 7.76 -10.12
N GLY B 83 -11.01 8.34 -10.36
CA GLY B 83 -11.18 9.80 -10.42
C GLY B 83 -10.77 10.41 -11.76
N LYS B 84 -10.90 11.73 -11.82
CA LYS B 84 -10.68 12.39 -13.10
C LYS B 84 -9.37 13.14 -13.21
N ASP B 85 -8.65 13.37 -12.11
CA ASP B 85 -7.34 14.00 -12.20
C ASP B 85 -6.52 13.55 -10.99
N ILE B 86 -5.27 14.01 -10.91
CA ILE B 86 -4.44 13.48 -9.84
C ILE B 86 -4.80 14.05 -8.49
N LYS B 87 -5.49 15.19 -8.43
CA LYS B 87 -6.00 15.65 -7.15
C LYS B 87 -7.17 14.80 -6.66
N GLU B 88 -8.06 14.37 -7.56
CA GLU B 88 -9.08 13.41 -7.14
C GLU B 88 -8.46 12.05 -6.79
N ARG B 89 -7.41 11.63 -7.50
CA ARG B 89 -6.79 10.37 -7.11
C ARG B 89 -6.13 10.48 -5.74
N ALA B 90 -5.75 11.69 -5.32
CA ALA B 90 -5.10 11.81 -4.03
C ALA B 90 -6.11 11.70 -2.89
N LEU B 91 -7.28 12.31 -3.05
CA LEU B 91 -8.38 12.07 -2.11
C LEU B 91 -8.72 10.58 -2.06
N ILE B 92 -8.93 9.96 -3.23
CA ILE B 92 -9.27 8.53 -3.26
C ILE B 92 -8.19 7.72 -2.56
N ASP B 93 -6.93 8.00 -2.89
CA ASP B 93 -5.83 7.24 -2.31
C ASP B 93 -5.79 7.40 -0.81
N MET B 94 -5.95 8.65 -0.33
CA MET B 94 -5.98 8.85 1.12
C MET B 94 -7.11 8.07 1.77
N TYR B 95 -8.29 8.04 1.14
CA TYR B 95 -9.41 7.32 1.69
C TYR B 95 -9.13 5.82 1.71
N ILE B 96 -8.74 5.28 0.56
CA ILE B 96 -8.63 3.83 0.50
C ILE B 96 -7.47 3.26 1.28
N GLU B 97 -6.40 4.05 1.54
CA GLU B 97 -5.33 3.51 2.36
C GLU B 97 -5.72 3.47 3.82
N GLY B 98 -6.53 4.44 4.27
CA GLY B 98 -7.15 4.30 5.57
C GLY B 98 -7.99 3.04 5.63
N ILE B 99 -8.80 2.82 4.60
CA ILE B 99 -9.58 1.59 4.52
C ILE B 99 -8.63 0.38 4.56
N ALA B 100 -7.55 0.43 3.78
CA ALA B 100 -6.65 -0.74 3.76
C ALA B 100 -5.97 -0.97 5.11
N ASP B 101 -5.77 0.08 5.90
CA ASP B 101 -5.17 -0.09 7.22
C ASP B 101 -6.12 -0.83 8.14
N LEU B 102 -7.40 -0.47 8.11
CA LEU B 102 -8.40 -1.17 8.91
C LEU B 102 -8.65 -2.58 8.38
N GLY B 103 -8.81 -2.71 7.06
CA GLY B 103 -8.94 -4.03 6.46
C GLY B 103 -7.84 -5.00 6.83
N GLU B 104 -6.58 -4.51 6.85
CA GLU B 104 -5.44 -5.36 7.22
C GLU B 104 -5.58 -5.88 8.63
N MET B 105 -5.99 -5.03 9.57
CA MET B 105 -6.18 -5.46 10.96
C MET B 105 -7.19 -6.59 11.05
N ILE B 106 -8.31 -6.47 10.32
CA ILE B 106 -9.38 -7.47 10.36
C ILE B 106 -8.92 -8.75 9.66
N LEU B 107 -8.26 -8.59 8.52
CA LEU B 107 -7.75 -9.75 7.79
C LEU B 107 -6.81 -10.61 8.64
N LEU B 108 -6.05 -9.98 9.55
CA LEU B 108 -5.02 -10.69 10.30
C LEU B 108 -5.45 -11.13 11.69
N LEU B 109 -6.67 -10.78 12.12
CA LEU B 109 -7.22 -11.27 13.39
C LEU B 109 -7.16 -12.78 13.58
N PRO B 110 -7.62 -13.62 12.64
CA PRO B 110 -7.63 -15.07 12.90
C PRO B 110 -6.26 -15.70 13.06
N VAL B 111 -5.23 -15.10 12.46
CA VAL B 111 -3.87 -15.63 12.57
C VAL B 111 -3.09 -15.00 13.71
N CYS B 112 -3.72 -14.12 14.48
CA CYS B 112 -3.05 -13.52 15.63
C CYS B 112 -2.77 -14.62 16.65
N PRO B 113 -1.72 -14.48 17.45
CA PRO B 113 -1.52 -15.39 18.59
C PRO B 113 -2.72 -15.39 19.53
N PRO B 114 -3.19 -16.59 19.91
CA PRO B 114 -4.48 -16.68 20.64
C PRO B 114 -4.55 -15.80 21.86
N GLU B 115 -3.43 -15.60 22.57
CA GLU B 115 -3.45 -14.75 23.75
C GLU B 115 -3.57 -13.27 23.38
N GLU B 116 -3.26 -12.92 22.14
CA GLU B 116 -3.41 -11.53 21.70
C GLU B 116 -4.75 -11.25 21.04
N LYS B 117 -5.58 -12.25 20.81
CA LYS B 117 -6.74 -12.01 19.97
C LYS B 117 -7.78 -11.15 20.67
N ASP B 118 -7.93 -11.28 21.99
CA ASP B 118 -8.91 -10.44 22.68
C ASP B 118 -8.55 -8.96 22.60
N ALA B 119 -7.28 -8.63 22.85
CA ALA B 119 -6.86 -7.24 22.81
C ALA B 119 -6.97 -6.67 21.40
N LYS B 120 -6.49 -7.42 20.40
CA LYS B 120 -6.52 -6.95 19.02
C LYS B 120 -7.95 -6.68 18.56
N LEU B 121 -8.89 -7.62 18.85
CA LEU B 121 -10.26 -7.39 18.44
C LEU B 121 -10.83 -6.15 19.10
N ALA B 122 -10.59 -6.00 20.40
CA ALA B 122 -11.00 -4.79 21.12
C ALA B 122 -10.44 -3.53 20.46
N LEU B 123 -9.16 -3.56 20.10
CA LEU B 123 -8.53 -2.42 19.45
C LEU B 123 -9.20 -2.09 18.12
N ILE B 124 -9.45 -3.12 17.30
CA ILE B 124 -10.13 -2.90 16.02
C ILE B 124 -11.45 -2.16 16.22
N LYS B 125 -12.25 -2.57 17.22
CA LYS B 125 -13.54 -1.93 17.44
C LYS B 125 -13.39 -0.48 17.87
N GLU B 126 -12.43 -0.21 18.76
CA GLU B 126 -12.18 1.16 19.20
C GLU B 126 -11.78 2.07 18.03
N LYS B 127 -10.92 1.58 17.13
CA LYS B 127 -10.51 2.41 15.99
C LYS B 127 -11.63 2.58 14.97
N ILE B 128 -12.44 1.53 14.74
CA ILE B 128 -13.62 1.66 13.90
C ILE B 128 -14.50 2.79 14.40
N LYS B 129 -14.78 2.78 15.70
CA LYS B 129 -15.79 3.69 16.23
C LYS B 129 -15.24 5.10 16.36
N ASN B 130 -13.96 5.25 16.73
CA ASN B 130 -13.44 6.56 17.04
C ASN B 130 -12.61 7.16 15.92
N ARG B 131 -12.04 6.37 15.01
CA ARG B 131 -11.13 6.91 14.02
C ARG B 131 -11.69 6.82 12.61
N TYR B 132 -12.05 5.62 12.15
CA TYR B 132 -12.31 5.43 10.73
C TYR B 132 -13.74 5.78 10.35
N PHE B 133 -14.74 5.28 11.09
CA PHE B 133 -16.12 5.60 10.73
C PHE B 133 -16.39 7.09 10.86
N PRO B 134 -15.99 7.79 11.93
CA PRO B 134 -16.12 9.26 11.92
C PRO B 134 -15.38 9.93 10.78
N ALA B 135 -14.21 9.42 10.40
CA ALA B 135 -13.49 10.04 9.30
C ALA B 135 -14.31 9.97 8.02
N PHE B 136 -14.95 8.82 7.76
CA PHE B 136 -15.68 8.72 6.50
C PHE B 136 -17.07 9.33 6.57
N GLU B 137 -17.70 9.31 7.75
CA GLU B 137 -18.96 10.03 7.90
C GLU B 137 -18.75 11.53 7.66
N LYS B 138 -17.61 12.07 8.13
CA LYS B 138 -17.34 13.50 7.95
C LYS B 138 -17.14 13.86 6.47
N VAL B 139 -16.52 12.97 5.69
CA VAL B 139 -16.43 13.19 4.24
C VAL B 139 -17.80 13.26 3.62
N LEU B 140 -18.65 12.28 3.92
CA LEU B 140 -19.98 12.28 3.31
C LEU B 140 -20.76 13.50 3.75
N LYS B 141 -20.69 13.81 5.06
CA LYS B 141 -21.39 14.97 5.62
C LYS B 141 -20.86 16.27 5.04
N SER B 142 -19.61 16.28 4.54
CA SER B 142 -18.97 17.52 4.13
C SER B 142 -19.50 18.02 2.80
N HIS B 143 -19.75 17.11 1.84
CA HIS B 143 -20.34 17.49 0.57
C HIS B 143 -21.78 17.02 0.35
N GLY B 144 -22.28 16.11 1.19
CA GLY B 144 -23.67 15.69 1.10
C GLY B 144 -24.01 14.82 -0.11
N GLN B 145 -23.04 14.49 -0.95
CA GLN B 145 -23.30 13.79 -2.20
C GLN B 145 -23.40 12.28 -1.98
N ASP B 146 -23.83 11.57 -3.04
CA ASP B 146 -24.06 10.14 -2.94
C ASP B 146 -22.78 9.33 -3.03
N TYR B 147 -21.67 9.94 -3.45
CA TYR B 147 -20.42 9.23 -3.58
C TYR B 147 -19.32 9.99 -2.83
N LEU B 148 -18.29 9.24 -2.46
CA LEU B 148 -17.23 9.80 -1.64
C LEU B 148 -16.47 10.89 -2.37
N VAL B 149 -16.19 10.71 -3.66
CA VAL B 149 -15.34 11.65 -4.37
C VAL B 149 -15.91 11.94 -5.75
N GLY B 150 -15.96 13.22 -6.11
CA GLY B 150 -16.32 13.64 -7.45
C GLY B 150 -17.78 13.43 -7.77
N ASN B 151 -18.60 13.21 -6.75
CA ASN B 151 -20.02 13.00 -6.97
C ASN B 151 -20.27 11.90 -8.00
N LYS B 152 -19.41 10.90 -8.05
CA LYS B 152 -19.44 9.88 -9.08
C LYS B 152 -18.89 8.60 -8.46
N LEU B 153 -19.35 7.44 -8.93
CA LEU B 153 -18.88 6.20 -8.33
C LEU B 153 -17.37 6.04 -8.54
N SER B 154 -16.66 5.59 -7.50
CA SER B 154 -15.23 5.34 -7.62
C SER B 154 -14.84 4.14 -6.77
N ARG B 155 -13.58 3.72 -6.90
CA ARG B 155 -13.08 2.61 -6.10
C ARG B 155 -13.22 2.87 -4.60
N ALA B 156 -13.17 4.14 -4.17
CA ALA B 156 -13.31 4.42 -2.74
C ALA B 156 -14.67 3.96 -2.19
N ASP B 157 -15.74 4.18 -2.95
CA ASP B 157 -17.07 3.71 -2.53
C ASP B 157 -17.09 2.19 -2.46
N ILE B 158 -16.53 1.53 -3.47
CA ILE B 158 -16.52 0.07 -3.49
C ILE B 158 -15.74 -0.49 -2.32
N HIS B 159 -14.50 0.01 -2.10
CA HIS B 159 -13.66 -0.49 -1.02
C HIS B 159 -14.29 -0.20 0.33
N LEU B 160 -14.90 0.97 0.49
CA LEU B 160 -15.48 1.29 1.78
C LEU B 160 -16.68 0.39 2.06
N VAL B 161 -17.57 0.23 1.08
CA VAL B 161 -18.76 -0.61 1.32
C VAL B 161 -18.35 -2.05 1.61
N GLU B 162 -17.36 -2.58 0.88
CA GLU B 162 -16.84 -3.91 1.20
C GLU B 162 -16.44 -4.00 2.67
N LEU B 163 -15.74 -2.99 3.18
CA LEU B 163 -15.30 -3.05 4.58
C LEU B 163 -16.48 -2.95 5.55
N LEU B 164 -17.50 -2.18 5.21
CA LEU B 164 -18.71 -2.13 6.03
C LEU B 164 -19.31 -3.53 6.21
N TYR B 165 -19.35 -4.34 5.15
CA TYR B 165 -19.83 -5.71 5.30
C TYR B 165 -18.96 -6.51 6.28
N TYR B 166 -17.62 -6.32 6.25
CA TYR B 166 -16.79 -7.07 7.21
C TYR B 166 -16.92 -6.54 8.62
N VAL B 167 -17.23 -5.25 8.77
CA VAL B 167 -17.44 -4.72 10.11
C VAL B 167 -18.79 -5.20 10.65
N GLU B 168 -19.82 -5.23 9.80
CA GLU B 168 -21.13 -5.76 10.20
C GLU B 168 -20.97 -7.18 10.73
N GLU B 169 -20.23 -8.02 10.02
CA GLU B 169 -19.94 -9.37 10.49
C GLU B 169 -19.22 -9.36 11.84
N LEU B 170 -18.42 -8.33 12.14
CA LEU B 170 -17.70 -8.37 13.42
C LEU B 170 -18.58 -7.86 14.56
N ASP B 171 -19.41 -6.88 14.28
CA ASP B 171 -20.25 -6.27 15.29
C ASP B 171 -21.20 -5.34 14.56
N SER B 172 -22.45 -5.81 14.39
CA SER B 172 -23.43 -5.06 13.62
C SER B 172 -23.84 -3.76 14.29
N SER B 173 -23.46 -3.56 15.55
CA SER B 173 -23.75 -2.31 16.23
C SER B 173 -22.80 -1.18 15.82
N LEU B 174 -21.64 -1.49 15.24
CA LEU B 174 -20.59 -0.46 15.13
C LEU B 174 -21.00 0.65 14.16
N ILE B 175 -21.70 0.33 13.08
CA ILE B 175 -22.15 1.35 12.13
C ILE B 175 -23.40 2.10 12.58
N SER B 176 -24.03 1.69 13.69
CA SER B 176 -25.36 2.18 14.01
C SER B 176 -25.41 3.70 14.21
N SER B 177 -24.36 4.30 14.78
CA SER B 177 -24.36 5.75 14.97
C SER B 177 -23.94 6.52 13.73
N PHE B 178 -23.70 5.86 12.59
CA PHE B 178 -23.17 6.54 11.41
C PHE B 178 -24.19 6.43 10.29
N PRO B 179 -25.15 7.36 10.24
CA PRO B 179 -26.24 7.25 9.27
C PRO B 179 -25.78 7.35 7.82
N LEU B 180 -24.81 8.21 7.53
CA LEU B 180 -24.44 8.39 6.13
C LEU B 180 -23.68 7.19 5.60
N LEU B 181 -22.95 6.47 6.47
CA LEU B 181 -22.35 5.21 6.07
C LEU B 181 -23.43 4.16 5.82
N LYS B 182 -24.44 4.08 6.69
CA LYS B 182 -25.58 3.19 6.46
C LYS B 182 -26.17 3.44 5.08
N ALA B 183 -26.47 4.71 4.78
CA ALA B 183 -27.10 5.03 3.51
C ALA B 183 -26.18 4.78 2.32
N LEU B 184 -24.86 4.94 2.49
CA LEU B 184 -23.96 4.64 1.39
C LEU B 184 -23.93 3.14 1.14
N LYS B 185 -23.91 2.36 2.21
CA LYS B 185 -23.90 0.90 2.09
C LYS B 185 -25.13 0.41 1.32
N THR B 186 -26.31 0.97 1.60
CA THR B 186 -27.48 0.46 0.87
C THR B 186 -27.47 0.96 -0.58
N ARG B 187 -27.08 2.21 -0.79
CA ARG B 187 -27.07 2.78 -2.14
C ARG B 187 -26.04 2.07 -3.03
N ILE B 188 -24.87 1.74 -2.49
CA ILE B 188 -23.90 1.05 -3.33
C ILE B 188 -24.27 -0.42 -3.51
N SER B 189 -24.81 -1.01 -2.46
CA SER B 189 -25.28 -2.39 -2.51
C SER B 189 -26.36 -2.56 -3.57
N ASN B 190 -27.14 -1.51 -3.86
CA ASN B 190 -28.23 -1.64 -4.80
C ASN B 190 -27.85 -1.17 -6.20
N LEU B 191 -26.58 -0.93 -6.45
CA LEU B 191 -26.09 -0.77 -7.82
C LEU B 191 -26.17 -2.12 -8.52
N PRO B 192 -26.65 -2.14 -9.79
CA PRO B 192 -26.81 -3.44 -10.49
C PRO B 192 -25.65 -4.40 -10.36
N THR B 193 -24.43 -3.96 -10.65
CA THR B 193 -23.31 -4.90 -10.62
C THR B 193 -23.03 -5.38 -9.19
N VAL B 194 -23.15 -4.49 -8.20
CA VAL B 194 -22.87 -4.88 -6.82
C VAL B 194 -23.96 -5.78 -6.26
N LYS B 195 -25.21 -5.46 -6.56
CA LYS B 195 -26.31 -6.28 -6.06
C LYS B 195 -26.15 -7.70 -6.59
N LYS B 196 -25.74 -7.83 -7.85
CA LYS B 196 -25.49 -9.16 -8.41
C LYS B 196 -24.36 -9.86 -7.69
N PHE B 197 -23.30 -9.12 -7.34
CA PHE B 197 -22.16 -9.70 -6.64
C PHE B 197 -22.54 -10.14 -5.25
N LEU B 198 -23.43 -9.39 -4.59
CA LEU B 198 -23.84 -9.74 -3.25
C LEU B 198 -24.80 -10.94 -3.21
N GLN B 199 -25.49 -11.25 -4.32
CA GLN B 199 -26.45 -12.37 -4.35
C GLN B 199 -25.74 -13.72 -4.29
N PRO B 200 -26.44 -14.78 -3.87
CA PRO B 200 -25.83 -16.13 -3.86
C PRO B 200 -25.29 -16.53 -5.23
N GLY B 201 -24.27 -17.38 -5.20
CA GLY B 201 -23.66 -17.93 -6.40
C GLY B 201 -22.69 -17.04 -7.15
N SER B 202 -22.31 -15.87 -6.61
CA SER B 202 -21.31 -15.01 -7.27
C SER B 202 -19.90 -15.47 -6.88
N PRO B 203 -18.86 -14.83 -7.44
CA PRO B 203 -17.50 -15.14 -6.99
C PRO B 203 -17.19 -14.61 -5.60
N ARG B 204 -18.07 -13.82 -5.00
CA ARG B 204 -17.87 -13.36 -3.63
C ARG B 204 -17.60 -14.56 -2.74
N LYS B 205 -16.60 -14.41 -1.82
CA LYS B 205 -16.12 -15.51 -0.99
C LYS B 205 -16.59 -15.36 0.44
N PRO B 206 -16.80 -16.47 1.15
CA PRO B 206 -17.31 -16.43 2.52
C PRO B 206 -16.25 -15.97 3.50
N PRO B 207 -16.60 -15.80 4.78
CA PRO B 207 -15.57 -15.68 5.81
C PRO B 207 -14.68 -16.92 5.84
N MET B 208 -13.47 -16.75 6.40
CA MET B 208 -12.45 -17.79 6.45
C MET B 208 -12.66 -18.62 7.70
N ASP B 209 -13.15 -19.85 7.56
CA ASP B 209 -13.25 -20.69 8.75
C ASP B 209 -11.89 -21.31 9.13
N GLU B 210 -11.88 -22.32 10.00
CA GLU B 210 -10.62 -22.91 10.47
C GLU B 210 -9.96 -23.81 9.41
N LYS B 211 -10.73 -24.73 8.84
CA LYS B 211 -10.19 -25.69 7.88
C LYS B 211 -9.56 -24.89 6.74
N SER B 212 -10.29 -23.87 6.26
CA SER B 212 -9.79 -23.03 5.18
C SER B 212 -8.53 -22.29 5.64
N LEU B 213 -8.48 -21.94 6.94
CA LEU B 213 -7.35 -21.21 7.52
C LEU B 213 -6.06 -22.01 7.50
N GLU B 214 -6.17 -23.27 7.92
CA GLU B 214 -5.07 -24.22 8.02
C GLU B 214 -4.57 -24.57 6.63
N GLU B 215 -5.49 -24.98 5.76
CA GLU B 215 -5.10 -25.27 4.38
C GLU B 215 -4.35 -24.10 3.76
N ALA B 216 -4.44 -22.92 4.37
CA ALA B 216 -3.63 -21.79 3.93
C ALA B 216 -2.20 -21.88 4.46
N ARG B 217 -2.04 -22.09 5.76
CA ARG B 217 -0.73 -22.22 6.36
C ARG B 217 0.02 -23.42 5.79
N LYS B 218 -0.72 -24.37 5.31
CA LYS B 218 -0.13 -25.56 4.76
C LYS B 218 0.39 -25.24 3.38
N ILE B 219 0.14 -24.06 2.85
CA ILE B 219 0.69 -23.75 1.55
C ILE B 219 1.83 -22.77 1.66
N PHE B 220 1.93 -22.13 2.82
CA PHE B 220 2.97 -21.18 3.17
C PHE B 220 3.50 -21.64 4.53
#